data_5W85
#
_entry.id   5W85
#
_cell.length_a   88.440
_cell.length_b   125.560
_cell.length_c   141.330
_cell.angle_alpha   90.00
_cell.angle_beta   90.00
_cell.angle_gamma   90.00
#
_symmetry.space_group_name_H-M   'I 2 2 2'
#
loop_
_entity.id
_entity.type
_entity.pdbx_description
1 polymer 'Interleukin-1 receptor-associated kinase 4'
2 non-polymer 6-[(1,3-benzothiazol-6-yl)amino]-4-{[(2S)-1-hydroxy-3-phenylpropan-2-yl]amino}-N-methylpyridine-3-carboxamide
3 water water
#
_entity_poly.entity_id   1
_entity_poly.type   'polypeptide(L)'
_entity_poly.pdbx_seq_one_letter_code
;GAMGVSDTRFHSFSFYELKNVTNNFDERPISVGGNKMGEGGFGVVYKGYVNNTTVAVKKLAAMVDITTEELKQQFDQEIK
VMAKCQHENLVELLGFSSDGDDLCLVYVYMPNGSLLDRLSCLDGTPPLSWHMRCKIAQGAANGINFLHENHHIHRDIKSA
NILLDEAFTAKISDFGLARASEKFAQ(TPO)VM(TPO)(SEP)RIVGTTAYMAPEALRGEITPKSDIYSFGVVLLEIITG
LPAVDEHREPQLLLDIKEEIEDEEKTIEDYIDKKMNDADSTSVEAMYSVASQCLHEKKNKRPDIKKVQQLLQEMTAS
;
_entity_poly.pdbx_strand_id   A,B
#
loop_
_chem_comp.id
_chem_comp.type
_chem_comp.name
_chem_comp.formula
9YS non-polymer 6-[(1,3-benzothiazol-6-yl)amino]-4-{[(2S)-1-hydroxy-3-phenylpropan-2-yl]amino}-N-methylpyridine-3-carboxamide 'C23 H23 N5 O2 S'
#
# COMPACT_ATOMS: atom_id res chain seq x y z
N ARG A 9 -27.25 -0.03 -32.33
CA ARG A 9 -25.82 -0.26 -32.20
C ARG A 9 -25.51 -1.26 -31.05
N PHE A 10 -26.39 -1.30 -30.02
CA PHE A 10 -26.25 -2.15 -28.86
C PHE A 10 -27.14 -3.39 -28.92
N HIS A 11 -26.71 -4.47 -28.28
CA HIS A 11 -27.46 -5.71 -28.21
C HIS A 11 -28.53 -5.54 -27.12
N SER A 12 -29.81 -5.75 -27.46
CA SER A 12 -30.85 -5.68 -26.45
C SER A 12 -30.86 -7.04 -25.77
N PHE A 13 -30.48 -7.09 -24.49
CA PHE A 13 -30.40 -8.31 -23.71
C PHE A 13 -31.70 -8.54 -22.97
N SER A 14 -32.09 -9.81 -22.86
CA SER A 14 -33.27 -10.25 -22.12
C SER A 14 -32.91 -10.29 -20.63
N PHE A 15 -33.87 -9.96 -19.75
CA PHE A 15 -33.65 -10.01 -18.31
C PHE A 15 -33.35 -11.43 -17.82
N TYR A 16 -33.97 -12.45 -18.48
CA TYR A 16 -33.71 -13.86 -18.16
C TYR A 16 -32.29 -14.24 -18.56
N GLU A 17 -31.79 -13.68 -19.69
CA GLU A 17 -30.41 -13.93 -20.15
C GLU A 17 -29.40 -13.36 -19.15
N LEU A 18 -29.67 -12.15 -18.66
CA LEU A 18 -28.79 -11.49 -17.70
C LEU A 18 -28.84 -12.14 -16.33
N LYS A 19 -30.02 -12.66 -15.94
CA LYS A 19 -30.17 -13.41 -14.69
C LYS A 19 -29.37 -14.71 -14.83
N ASN A 20 -29.45 -15.35 -16.00
CA ASN A 20 -28.74 -16.59 -16.25
C ASN A 20 -27.22 -16.42 -16.24
N VAL A 21 -26.70 -15.42 -16.98
CA VAL A 21 -25.27 -15.16 -17.16
C VAL A 21 -24.56 -14.73 -15.84
N THR A 22 -25.31 -14.12 -14.90
CA THR A 22 -24.79 -13.67 -13.60
C THR A 22 -25.04 -14.65 -12.45
N ASN A 23 -25.37 -15.92 -12.78
CA ASN A 23 -25.71 -16.98 -11.81
C ASN A 23 -26.85 -16.52 -10.86
N ASN A 24 -27.94 -16.01 -11.47
CA ASN A 24 -29.14 -15.46 -10.81
C ASN A 24 -28.82 -14.27 -9.91
N PHE A 25 -28.00 -13.34 -10.45
CA PHE A 25 -27.52 -12.13 -9.77
C PHE A 25 -26.98 -12.50 -8.39
N ASP A 26 -26.04 -13.49 -8.38
CA ASP A 26 -25.39 -14.00 -7.18
C ASP A 26 -24.66 -12.85 -6.44
N GLU A 27 -25.26 -12.45 -5.31
CA GLU A 27 -24.85 -11.36 -4.43
C GLU A 27 -23.58 -11.63 -3.64
N ARG A 28 -23.11 -12.90 -3.62
CA ARG A 28 -21.86 -13.22 -2.92
C ARG A 28 -20.66 -12.56 -3.65
N PRO A 29 -19.60 -12.12 -2.93
CA PRO A 29 -18.46 -11.51 -3.65
C PRO A 29 -17.71 -12.51 -4.52
N ILE A 30 -17.04 -12.01 -5.56
CA ILE A 30 -16.17 -12.72 -6.53
C ILE A 30 -15.15 -13.60 -5.78
N SER A 31 -14.55 -13.03 -4.72
CA SER A 31 -13.52 -13.59 -3.84
C SER A 31 -13.94 -14.91 -3.25
N VAL A 32 -15.24 -15.08 -3.08
CA VAL A 32 -15.88 -16.22 -2.45
C VAL A 32 -16.50 -17.16 -3.50
N GLY A 33 -16.38 -16.79 -4.78
CA GLY A 33 -16.95 -17.55 -5.89
C GLY A 33 -18.32 -17.06 -6.34
N GLY A 34 -18.74 -15.91 -5.84
CA GLY A 34 -19.99 -15.27 -6.23
C GLY A 34 -19.84 -14.43 -7.49
N ASN A 35 -20.83 -13.57 -7.76
CA ASN A 35 -20.81 -12.72 -8.96
C ASN A 35 -20.80 -11.21 -8.66
N LYS A 36 -20.97 -10.81 -7.40
CA LYS A 36 -20.95 -9.40 -7.06
C LYS A 36 -19.52 -8.88 -7.09
N MET A 37 -19.28 -7.85 -7.90
CA MET A 37 -18.00 -7.17 -8.12
C MET A 37 -17.94 -5.84 -7.35
N GLY A 38 -19.07 -5.13 -7.28
CA GLY A 38 -19.16 -3.83 -6.63
C GLY A 38 -20.55 -3.32 -6.33
N GLU A 39 -20.61 -2.40 -5.33
CA GLU A 39 -21.79 -1.75 -4.74
C GLU A 39 -22.70 -2.72 -3.99
N GLY A 41 -21.64 3.91 -9.13
CA GLY A 41 -22.91 3.75 -9.82
C GLY A 41 -23.94 3.06 -8.95
N PHE A 42 -25.12 3.71 -8.77
CA PHE A 42 -26.13 3.15 -7.88
C PHE A 42 -26.96 2.06 -8.52
N GLY A 43 -26.65 0.89 -8.01
CA GLY A 43 -27.09 -0.44 -8.40
C GLY A 43 -25.91 -1.34 -8.15
N VAL A 44 -26.06 -2.65 -8.35
CA VAL A 44 -24.94 -3.56 -8.08
C VAL A 44 -24.28 -4.02 -9.40
N VAL A 45 -22.94 -4.15 -9.39
CA VAL A 45 -22.18 -4.58 -10.57
C VAL A 45 -21.78 -6.07 -10.43
N TYR A 46 -22.21 -6.89 -11.39
CA TYR A 46 -22.00 -8.33 -11.41
C TYR A 46 -21.14 -8.84 -12.56
N LYS A 47 -20.36 -9.89 -12.30
CA LYS A 47 -19.58 -10.58 -13.32
C LYS A 47 -20.55 -11.53 -14.04
N GLY A 48 -20.50 -11.52 -15.37
CA GLY A 48 -21.34 -12.37 -16.19
C GLY A 48 -20.55 -13.00 -17.31
N TYR A 49 -21.07 -14.12 -17.82
CA TYR A 49 -20.46 -14.85 -18.93
C TYR A 49 -21.49 -15.00 -20.04
N VAL A 50 -21.36 -14.23 -21.11
CA VAL A 50 -22.29 -14.30 -22.25
C VAL A 50 -21.54 -15.13 -23.27
N ASN A 51 -21.89 -16.43 -23.31
CA ASN A 51 -21.26 -17.48 -24.11
C ASN A 51 -19.87 -17.72 -23.50
N ASN A 52 -18.79 -17.32 -24.19
CA ASN A 52 -17.39 -17.45 -23.73
C ASN A 52 -16.82 -16.07 -23.32
N THR A 53 -17.65 -15.01 -23.38
CA THR A 53 -17.29 -13.63 -23.08
C THR A 53 -17.63 -13.21 -21.64
N THR A 54 -16.62 -12.75 -20.90
CA THR A 54 -16.81 -12.19 -19.56
C THR A 54 -17.33 -10.78 -19.77
N VAL A 55 -18.42 -10.43 -19.06
CA VAL A 55 -19.03 -9.11 -19.11
C VAL A 55 -19.22 -8.59 -17.69
N ALA A 56 -19.58 -7.31 -17.58
CA ALA A 56 -19.90 -6.62 -16.33
C ALA A 56 -21.36 -6.16 -16.49
N VAL A 57 -22.23 -6.61 -15.60
CA VAL A 57 -23.66 -6.26 -15.64
C VAL A 57 -23.97 -5.37 -14.45
N LYS A 58 -24.39 -4.12 -14.70
CA LYS A 58 -24.79 -3.18 -13.65
C LYS A 58 -26.30 -3.24 -13.55
N LYS A 59 -26.82 -3.82 -12.45
CA LYS A 59 -28.27 -3.93 -12.21
C LYS A 59 -28.65 -2.73 -11.35
N LEU A 60 -29.46 -1.82 -11.92
CA LEU A 60 -29.92 -0.59 -11.26
C LEU A 60 -31.16 -0.86 -10.43
N GLU A 69 -36.47 6.85 -10.66
CA GLU A 69 -37.05 8.06 -11.24
C GLU A 69 -36.00 8.90 -11.99
N GLU A 70 -34.91 9.30 -11.29
CA GLU A 70 -33.78 10.04 -11.86
C GLU A 70 -32.70 9.00 -12.22
N LEU A 71 -32.97 7.73 -11.84
CA LEU A 71 -32.17 6.54 -12.10
C LEU A 71 -32.38 6.15 -13.56
N LYS A 72 -33.65 6.24 -14.04
CA LYS A 72 -34.03 5.99 -15.44
C LYS A 72 -33.42 7.08 -16.35
N GLN A 73 -33.21 8.30 -15.79
CA GLN A 73 -32.57 9.41 -16.49
C GLN A 73 -31.09 9.08 -16.75
N GLN A 74 -30.37 8.60 -15.71
CA GLN A 74 -28.96 8.20 -15.77
C GLN A 74 -28.76 6.97 -16.68
N PHE A 75 -29.75 6.04 -16.70
CA PHE A 75 -29.78 4.86 -17.57
C PHE A 75 -29.86 5.32 -19.06
N ASP A 76 -30.79 6.24 -19.37
CA ASP A 76 -31.01 6.76 -20.72
C ASP A 76 -29.81 7.58 -21.19
N GLN A 77 -29.26 8.41 -20.29
CA GLN A 77 -28.10 9.26 -20.56
C GLN A 77 -26.85 8.43 -20.89
N GLU A 78 -26.65 7.32 -20.15
CA GLU A 78 -25.53 6.39 -20.34
C GLU A 78 -25.59 5.81 -21.78
N ILE A 79 -26.76 5.27 -22.18
CA ILE A 79 -26.99 4.70 -23.53
C ILE A 79 -26.79 5.79 -24.61
N LYS A 80 -27.39 6.99 -24.40
CA LYS A 80 -27.34 8.15 -25.28
C LYS A 80 -25.90 8.57 -25.56
N VAL A 81 -25.12 8.85 -24.50
CA VAL A 81 -23.71 9.26 -24.59
C VAL A 81 -22.85 8.14 -25.21
N MET A 82 -23.04 6.89 -24.74
CA MET A 82 -22.29 5.74 -25.24
C MET A 82 -22.56 5.44 -26.70
N ALA A 83 -23.77 5.76 -27.19
CA ALA A 83 -24.14 5.56 -28.61
C ALA A 83 -23.30 6.49 -29.49
N LYS A 84 -23.10 7.73 -29.01
CA LYS A 84 -22.35 8.79 -29.68
C LYS A 84 -20.81 8.70 -29.49
N CYS A 85 -20.34 8.10 -28.37
CA CYS A 85 -18.92 8.08 -28.03
C CYS A 85 -18.27 6.71 -28.09
N GLN A 86 -17.37 6.53 -29.06
CA GLN A 86 -16.59 5.30 -29.24
C GLN A 86 -15.14 5.67 -29.39
N HIS A 87 -14.34 5.36 -28.35
CA HIS A 87 -12.93 5.70 -28.32
C HIS A 87 -12.18 4.64 -27.51
N GLU A 88 -10.89 4.47 -27.83
CA GLU A 88 -9.92 3.54 -27.25
C GLU A 88 -9.81 3.74 -25.72
N ASN A 89 -10.01 5.00 -25.25
CA ASN A 89 -9.87 5.38 -23.86
C ASN A 89 -11.19 5.65 -23.17
N LEU A 90 -12.26 4.99 -23.63
CA LEU A 90 -13.59 5.10 -23.01
C LEU A 90 -14.10 3.69 -22.91
N VAL A 91 -14.78 3.31 -21.80
CA VAL A 91 -15.32 1.94 -21.65
C VAL A 91 -16.37 1.73 -22.73
N GLU A 92 -16.66 0.47 -23.07
CA GLU A 92 -17.68 0.17 -24.05
C GLU A 92 -18.89 -0.48 -23.43
N LEU A 93 -20.05 0.09 -23.75
CA LEU A 93 -21.34 -0.46 -23.37
C LEU A 93 -21.68 -1.47 -24.47
N LEU A 94 -21.97 -2.71 -24.09
CA LEU A 94 -22.31 -3.77 -25.05
C LEU A 94 -23.81 -3.82 -25.31
N GLY A 95 -24.59 -3.56 -24.27
CA GLY A 95 -26.03 -3.58 -24.36
C GLY A 95 -26.73 -3.17 -23.09
N PHE A 96 -28.03 -3.42 -23.05
CA PHE A 96 -28.89 -3.06 -21.93
C PHE A 96 -30.09 -3.97 -21.88
N SER A 97 -30.87 -3.88 -20.80
CA SER A 97 -32.08 -4.67 -20.67
C SER A 97 -33.22 -3.77 -20.25
N SER A 98 -34.30 -3.77 -21.07
CA SER A 98 -35.53 -2.97 -20.89
C SER A 98 -36.64 -3.75 -20.19
N ASP A 99 -36.86 -5.01 -20.61
CA ASP A 99 -37.87 -5.93 -20.06
C ASP A 99 -37.42 -6.46 -18.71
N GLY A 100 -38.34 -6.96 -17.90
CA GLY A 100 -37.99 -7.54 -16.61
C GLY A 100 -38.00 -6.57 -15.45
N ASP A 101 -37.85 -7.12 -14.24
CA ASP A 101 -37.89 -6.46 -12.94
C ASP A 101 -37.01 -5.22 -12.80
N ASP A 102 -35.71 -5.30 -13.18
CA ASP A 102 -34.77 -4.17 -13.03
C ASP A 102 -34.07 -3.75 -14.32
N LEU A 103 -33.62 -2.47 -14.39
CA LEU A 103 -32.86 -1.91 -15.51
C LEU A 103 -31.41 -2.38 -15.43
N CYS A 104 -30.88 -2.91 -16.55
CA CYS A 104 -29.51 -3.43 -16.59
C CYS A 104 -28.67 -2.82 -17.69
N LEU A 105 -27.38 -2.60 -17.40
CA LEU A 105 -26.41 -2.11 -18.38
C LEU A 105 -25.30 -3.16 -18.47
N VAL A 106 -24.96 -3.60 -19.70
CA VAL A 106 -23.92 -4.63 -19.93
C VAL A 106 -22.69 -3.99 -20.53
N TYR A 107 -21.53 -4.19 -19.91
CA TYR A 107 -20.26 -3.61 -20.37
C TYR A 107 -19.22 -4.64 -20.58
N VAL A 108 -18.17 -4.25 -21.29
CA VAL A 108 -16.96 -5.06 -21.48
C VAL A 108 -16.29 -5.22 -20.08
N TYR A 109 -15.81 -6.43 -19.79
CA TYR A 109 -15.11 -6.72 -18.56
C TYR A 109 -13.69 -6.12 -18.63
N MET A 110 -13.30 -5.38 -17.58
CA MET A 110 -11.99 -4.71 -17.46
C MET A 110 -11.16 -5.55 -16.50
N PRO A 111 -10.25 -6.42 -17.01
CA PRO A 111 -9.52 -7.34 -16.12
C PRO A 111 -8.70 -6.71 -15.00
N ASN A 112 -8.30 -5.45 -15.13
CA ASN A 112 -7.50 -4.82 -14.07
C ASN A 112 -8.27 -3.83 -13.24
N GLY A 113 -9.61 -3.89 -13.31
CA GLY A 113 -10.50 -3.04 -12.55
C GLY A 113 -10.25 -1.56 -12.64
N SER A 114 -10.31 -0.85 -11.49
CA SER A 114 -10.15 0.61 -11.51
C SER A 114 -8.77 1.05 -11.16
N LEU A 115 -8.45 2.28 -11.53
CA LEU A 115 -7.16 2.88 -11.21
C LEU A 115 -7.08 3.05 -9.68
N LEU A 116 -8.21 3.39 -9.03
CA LEU A 116 -8.30 3.52 -7.55
C LEU A 116 -7.86 2.19 -6.90
N ASP A 117 -8.48 1.05 -7.30
CA ASP A 117 -8.15 -0.29 -6.81
C ASP A 117 -6.67 -0.64 -7.01
N ARG A 118 -6.08 -0.26 -8.15
CA ARG A 118 -4.70 -0.61 -8.49
C ARG A 118 -3.69 0.26 -7.76
N LEU A 119 -4.05 1.55 -7.54
CA LEU A 119 -3.22 2.47 -6.75
C LEU A 119 -3.22 2.02 -5.29
N SER A 120 -4.34 1.42 -4.86
CA SER A 120 -4.46 0.96 -3.50
C SER A 120 -3.97 -0.51 -3.34
N CYS A 121 -3.59 -1.18 -4.46
CA CYS A 121 -3.09 -2.57 -4.52
C CYS A 121 -4.12 -3.52 -3.93
N LEU A 122 -5.40 -3.22 -4.13
CA LEU A 122 -6.53 -4.00 -3.63
C LEU A 122 -6.41 -5.44 -4.05
N ASP A 123 -6.62 -6.36 -3.09
CA ASP A 123 -6.57 -7.82 -3.29
C ASP A 123 -5.19 -8.34 -3.70
N GLY A 124 -4.14 -7.70 -3.21
CA GLY A 124 -2.76 -8.14 -3.41
C GLY A 124 -2.18 -7.96 -4.78
N THR A 125 -2.70 -7.00 -5.58
CA THR A 125 -2.16 -6.78 -6.92
C THR A 125 -0.84 -6.03 -6.80
N PRO A 126 0.17 -6.23 -7.68
CA PRO A 126 1.43 -5.48 -7.50
C PRO A 126 1.26 -4.00 -7.77
N PRO A 127 2.05 -3.12 -7.08
CA PRO A 127 1.95 -1.68 -7.38
C PRO A 127 2.19 -1.37 -8.85
N LEU A 128 1.55 -0.31 -9.38
CA LEU A 128 1.75 0.08 -10.76
C LEU A 128 3.10 0.80 -10.81
N SER A 129 3.87 0.55 -11.87
CA SER A 129 5.17 1.20 -12.01
C SER A 129 4.90 2.63 -12.49
N TRP A 130 5.90 3.49 -12.39
CA TRP A 130 5.84 4.86 -12.89
C TRP A 130 5.59 4.84 -14.40
N HIS A 131 6.21 3.90 -15.13
CA HIS A 131 6.04 3.73 -16.58
C HIS A 131 4.57 3.47 -16.90
N MET A 132 3.90 2.51 -16.19
CA MET A 132 2.46 2.24 -16.38
C MET A 132 1.60 3.45 -16.00
N ARG A 133 1.93 4.12 -14.87
CA ARG A 133 1.22 5.32 -14.40
C ARG A 133 1.20 6.45 -15.44
N CYS A 134 2.34 6.67 -16.13
CA CYS A 134 2.45 7.66 -17.20
C CYS A 134 1.57 7.30 -18.38
N LYS A 135 1.51 6.01 -18.75
CA LYS A 135 0.67 5.55 -19.88
C LYS A 135 -0.80 5.70 -19.51
N ILE A 136 -1.14 5.43 -18.22
CA ILE A 136 -2.51 5.59 -17.73
C ILE A 136 -2.91 7.07 -17.73
N ALA A 137 -2.02 7.97 -17.26
CA ALA A 137 -2.30 9.42 -17.21
C ALA A 137 -2.56 9.95 -18.64
N GLN A 138 -1.71 9.55 -19.61
CA GLN A 138 -1.85 9.90 -21.04
C GLN A 138 -3.12 9.36 -21.65
N GLY A 139 -3.45 8.10 -21.36
CA GLY A 139 -4.65 7.46 -21.87
C GLY A 139 -5.91 8.12 -21.35
N ALA A 140 -5.99 8.39 -20.03
CA ALA A 140 -7.15 9.04 -19.42
C ALA A 140 -7.37 10.46 -20.02
N ALA A 141 -6.25 11.19 -20.25
CA ALA A 141 -6.25 12.52 -20.84
C ALA A 141 -6.77 12.44 -22.30
N ASN A 142 -6.39 11.37 -23.05
CA ASN A 142 -6.85 11.14 -24.43
C ASN A 142 -8.35 10.88 -24.45
N GLY A 143 -8.85 10.17 -23.45
CA GLY A 143 -10.27 9.91 -23.29
C GLY A 143 -11.05 11.17 -22.95
N ILE A 144 -10.48 12.07 -22.08
CA ILE A 144 -11.15 13.33 -21.71
C ILE A 144 -11.17 14.27 -22.93
N ASN A 145 -10.08 14.26 -23.74
CA ASN A 145 -9.98 15.05 -24.96
C ASN A 145 -11.05 14.69 -25.97
N PHE A 146 -11.31 13.39 -26.18
CA PHE A 146 -12.37 12.93 -27.07
C PHE A 146 -13.73 13.44 -26.58
N LEU A 147 -13.98 13.37 -25.26
CA LEU A 147 -15.24 13.82 -24.69
C LEU A 147 -15.46 15.32 -24.90
N HIS A 148 -14.42 16.11 -24.62
CA HIS A 148 -14.46 17.58 -24.76
C HIS A 148 -14.53 18.02 -26.24
N GLU A 149 -13.88 17.27 -27.17
CA GLU A 149 -13.93 17.53 -28.62
C GLU A 149 -15.34 17.25 -29.14
N ASN A 150 -16.03 16.28 -28.53
CA ASN A 150 -17.40 15.90 -28.89
C ASN A 150 -18.44 16.56 -28.00
N HIS A 151 -18.05 17.68 -27.37
CA HIS A 151 -18.86 18.55 -26.50
C HIS A 151 -19.63 17.82 -25.37
N HIS A 152 -18.88 17.03 -24.56
CA HIS A 152 -19.44 16.37 -23.37
C HIS A 152 -18.60 16.77 -22.16
N ILE A 153 -19.27 16.98 -21.03
CA ILE A 153 -18.64 17.32 -19.74
C ILE A 153 -18.97 16.10 -18.92
N HIS A 154 -17.91 15.39 -18.46
CA HIS A 154 -18.07 14.14 -17.70
C HIS A 154 -18.77 14.37 -16.38
N ARG A 155 -18.25 15.33 -15.58
CA ARG A 155 -18.75 15.78 -14.27
C ARG A 155 -18.39 14.86 -13.08
N ASP A 156 -17.75 13.70 -13.35
CA ASP A 156 -17.34 12.80 -12.27
C ASP A 156 -16.04 12.07 -12.59
N ILE A 157 -15.03 12.85 -13.00
CA ILE A 157 -13.69 12.37 -13.29
C ILE A 157 -13.07 12.06 -11.92
N LYS A 158 -12.67 10.80 -11.72
CA LYS A 158 -12.03 10.29 -10.50
C LYS A 158 -11.37 8.98 -10.85
N SER A 159 -10.43 8.51 -10.00
CA SER A 159 -9.69 7.25 -10.19
C SER A 159 -10.61 6.02 -10.22
N ALA A 160 -11.71 6.04 -9.46
CA ALA A 160 -12.68 4.93 -9.48
C ALA A 160 -13.38 4.84 -10.86
N ASN A 161 -13.44 5.96 -11.62
CA ASN A 161 -14.05 6.02 -12.94
C ASN A 161 -13.05 5.88 -14.10
N ILE A 162 -11.83 5.49 -13.80
CA ILE A 162 -10.83 5.20 -14.82
C ILE A 162 -10.60 3.70 -14.72
N LEU A 163 -11.20 2.94 -15.63
CA LEU A 163 -11.04 1.49 -15.64
C LEU A 163 -9.83 1.06 -16.46
N LEU A 164 -9.33 -0.17 -16.21
CA LEU A 164 -8.11 -0.68 -16.82
C LEU A 164 -8.30 -2.06 -17.48
N ASP A 165 -7.93 -2.15 -18.76
CA ASP A 165 -8.06 -3.42 -19.49
C ASP A 165 -6.78 -4.30 -19.29
N GLU A 166 -6.64 -5.34 -20.17
CA GLU A 166 -5.56 -6.34 -20.17
C GLU A 166 -4.18 -5.71 -20.35
N ALA A 167 -4.08 -4.58 -21.07
CA ALA A 167 -2.79 -3.93 -21.27
C ALA A 167 -2.65 -2.70 -20.36
N PHE A 168 -3.57 -2.55 -19.37
CA PHE A 168 -3.64 -1.40 -18.45
C PHE A 168 -3.88 -0.10 -19.25
N THR A 169 -4.74 -0.19 -20.27
CA THR A 169 -5.17 0.95 -21.07
C THR A 169 -6.26 1.63 -20.28
N ALA A 170 -6.14 2.96 -20.10
CA ALA A 170 -7.12 3.74 -19.34
C ALA A 170 -8.44 3.82 -20.08
N LYS A 171 -9.55 3.48 -19.42
CA LYS A 171 -10.90 3.54 -20.01
C LYS A 171 -11.80 4.34 -19.10
N ILE A 172 -12.20 5.53 -19.54
CA ILE A 172 -13.10 6.37 -18.75
C ILE A 172 -14.49 5.76 -18.71
N SER A 173 -15.05 5.67 -17.51
CA SER A 173 -16.39 5.10 -17.30
C SER A 173 -17.34 6.11 -16.67
N ASP A 174 -18.64 5.68 -16.55
CA ASP A 174 -19.74 6.37 -15.90
C ASP A 174 -20.10 7.71 -16.56
N PHE A 175 -21.04 7.65 -17.52
CA PHE A 175 -21.52 8.78 -18.31
C PHE A 175 -22.98 9.19 -17.98
N GLY A 176 -23.51 8.63 -16.90
CA GLY A 176 -24.87 8.89 -16.43
C GLY A 176 -25.14 10.33 -16.02
N LEU A 177 -24.10 11.01 -15.51
CA LEU A 177 -24.20 12.41 -15.10
C LEU A 177 -23.65 13.36 -16.15
N ALA A 178 -23.12 12.85 -17.30
CA ALA A 178 -22.53 13.70 -18.35
C ALA A 178 -23.48 14.75 -18.92
N ARG A 179 -22.94 15.92 -19.32
CA ARG A 179 -23.71 17.04 -19.88
C ARG A 179 -23.07 17.60 -21.15
N ALA A 180 -23.91 17.98 -22.13
CA ALA A 180 -23.46 18.58 -23.39
C ALA A 180 -22.90 19.98 -23.16
N SER A 181 -21.86 20.34 -23.95
CA SER A 181 -21.23 21.66 -23.95
C SER A 181 -21.24 22.24 -25.37
N TPO A 187 -21.05 29.22 -19.77
CA TPO A 187 -21.11 28.45 -18.53
CB TPO A 187 -19.96 28.79 -17.54
CG2 TPO A 187 -20.05 28.07 -16.17
OG1 TPO A 187 -18.75 28.38 -18.19
P TPO A 187 -17.71 29.49 -18.48
O1P TPO A 187 -17.67 29.77 -20.00
O2P TPO A 187 -17.91 30.86 -17.80
O3P TPO A 187 -16.37 28.91 -18.07
C TPO A 187 -22.50 28.54 -17.93
O TPO A 187 -22.95 29.62 -17.52
N VAL A 188 -23.18 27.40 -17.89
CA VAL A 188 -24.54 27.22 -17.38
C VAL A 188 -24.47 26.88 -15.88
N MET A 189 -25.52 27.19 -15.12
CA MET A 189 -25.59 26.84 -13.71
C MET A 189 -26.76 25.88 -13.48
N TPO A 190 -26.71 25.11 -12.39
CA TPO A 190 -27.74 24.13 -12.06
CB TPO A 190 -27.29 22.71 -12.64
CG2 TPO A 190 -26.06 22.04 -11.94
OG1 TPO A 190 -28.30 21.72 -12.37
P TPO A 190 -29.27 21.22 -13.45
O1P TPO A 190 -29.01 19.73 -13.70
O2P TPO A 190 -30.66 21.31 -12.84
O3P TPO A 190 -29.18 21.96 -14.79
C TPO A 190 -28.04 24.04 -10.56
O TPO A 190 -27.21 24.41 -9.73
N SEP A 191 -29.24 23.56 -10.25
CA SEP A 191 -29.74 23.19 -8.94
CB SEP A 191 -31.26 23.40 -8.91
OG SEP A 191 -31.85 22.84 -10.11
C SEP A 191 -29.50 21.68 -8.98
O SEP A 191 -29.46 21.12 -10.09
P SEP A 191 -33.38 22.60 -10.09
O1P SEP A 191 -33.66 21.64 -11.28
O2P SEP A 191 -34.03 23.98 -10.34
O3P SEP A 191 -33.93 21.95 -8.80
N ARG A 192 -29.31 21.00 -7.84
CA ARG A 192 -29.01 19.55 -7.84
C ARG A 192 -27.55 19.37 -8.33
N ILE A 193 -26.60 19.65 -7.43
CA ILE A 193 -25.16 19.57 -7.66
C ILE A 193 -24.75 18.10 -7.54
N VAL A 194 -24.02 17.60 -8.55
CA VAL A 194 -23.57 16.20 -8.59
C VAL A 194 -22.04 16.12 -8.80
N GLY A 195 -21.48 14.99 -8.36
CA GLY A 195 -20.05 14.72 -8.44
C GLY A 195 -19.50 14.21 -7.11
N THR A 196 -18.16 14.05 -7.01
CA THR A 196 -17.49 13.55 -5.80
C THR A 196 -16.68 14.68 -5.23
N THR A 197 -17.08 15.13 -4.03
CA THR A 197 -16.55 16.28 -3.30
C THR A 197 -15.04 16.37 -3.32
N ALA A 198 -14.31 15.28 -2.95
CA ALA A 198 -12.87 15.26 -2.88
C ALA A 198 -12.18 15.63 -4.19
N TYR A 199 -12.90 15.46 -5.31
CA TYR A 199 -12.43 15.72 -6.67
C TYR A 199 -13.01 16.97 -7.31
N MET A 200 -14.02 17.57 -6.70
CA MET A 200 -14.74 18.68 -7.35
C MET A 200 -14.08 20.05 -7.33
N ALA A 201 -14.12 20.74 -8.47
CA ALA A 201 -13.64 22.13 -8.65
C ALA A 201 -14.54 23.07 -7.82
N PRO A 202 -14.02 24.22 -7.33
CA PRO A 202 -14.88 25.13 -6.53
C PRO A 202 -16.19 25.55 -7.25
N GLU A 203 -16.09 25.91 -8.55
CA GLU A 203 -17.28 26.31 -9.32
C GLU A 203 -18.31 25.17 -9.50
N ALA A 204 -17.84 23.89 -9.60
CA ALA A 204 -18.75 22.76 -9.74
C ALA A 204 -19.48 22.55 -8.43
N LEU A 205 -18.79 22.81 -7.31
CA LEU A 205 -19.40 22.75 -5.97
C LEU A 205 -20.47 23.84 -5.83
N ARG A 206 -20.32 24.96 -6.58
CA ARG A 206 -21.28 26.09 -6.58
C ARG A 206 -22.45 25.90 -7.56
N GLY A 207 -22.35 24.89 -8.44
CA GLY A 207 -23.42 24.56 -9.37
C GLY A 207 -23.13 24.87 -10.81
N GLU A 208 -21.94 25.42 -11.11
CA GLU A 208 -21.56 25.72 -12.50
C GLU A 208 -21.28 24.42 -13.28
N ILE A 209 -21.64 24.41 -14.57
CA ILE A 209 -21.43 23.28 -15.47
C ILE A 209 -20.44 23.76 -16.53
N THR A 210 -19.20 23.30 -16.46
CA THR A 210 -18.13 23.69 -17.40
C THR A 210 -17.12 22.55 -17.63
N PRO A 211 -16.60 22.33 -18.87
CA PRO A 211 -15.57 21.28 -19.05
C PRO A 211 -14.30 21.56 -18.23
N LYS A 212 -14.12 22.81 -17.76
CA LYS A 212 -12.98 23.27 -16.95
C LYS A 212 -12.97 22.57 -15.59
N SER A 213 -14.13 22.11 -15.11
CA SER A 213 -14.27 21.37 -13.87
C SER A 213 -13.68 19.96 -14.02
N ASP A 214 -13.77 19.36 -15.24
CA ASP A 214 -13.24 18.04 -15.54
C ASP A 214 -11.71 18.06 -15.44
N ILE A 215 -11.08 19.21 -15.82
CA ILE A 215 -9.61 19.40 -15.76
C ILE A 215 -9.14 19.41 -14.31
N TYR A 216 -9.89 20.11 -13.43
CA TYR A 216 -9.59 20.20 -12.01
C TYR A 216 -9.60 18.79 -11.41
N SER A 217 -10.66 18.00 -11.68
CA SER A 217 -10.81 16.63 -11.19
C SER A 217 -9.70 15.70 -11.72
N PHE A 218 -9.22 15.96 -12.95
CA PHE A 218 -8.12 15.21 -13.54
C PHE A 218 -6.81 15.53 -12.79
N GLY A 219 -6.65 16.78 -12.34
CA GLY A 219 -5.52 17.22 -11.54
C GLY A 219 -5.40 16.45 -10.25
N VAL A 220 -6.53 16.19 -9.57
CA VAL A 220 -6.61 15.38 -8.34
C VAL A 220 -6.19 13.92 -8.66
N VAL A 221 -6.66 13.38 -9.79
CA VAL A 221 -6.30 12.02 -10.26
C VAL A 221 -4.76 11.95 -10.45
N LEU A 222 -4.15 12.98 -11.06
CA LEU A 222 -2.71 13.03 -11.24
C LEU A 222 -1.96 13.00 -9.92
N LEU A 223 -2.50 13.67 -8.88
CA LEU A 223 -1.91 13.63 -7.53
C LEU A 223 -2.04 12.23 -6.96
N GLU A 224 -3.21 11.55 -7.16
CA GLU A 224 -3.41 10.18 -6.69
C GLU A 224 -2.38 9.24 -7.36
N ILE A 225 -2.06 9.50 -8.64
CA ILE A 225 -1.10 8.72 -9.44
C ILE A 225 0.32 8.89 -8.92
N ILE A 226 0.72 10.15 -8.65
CA ILE A 226 2.06 10.45 -8.15
C ILE A 226 2.31 9.85 -6.75
N THR A 227 1.33 9.98 -5.87
CA THR A 227 1.42 9.65 -4.45
C THR A 227 0.94 8.29 -4.01
N GLY A 228 0.00 7.70 -4.73
CA GLY A 228 -0.66 6.47 -4.34
C GLY A 228 -1.68 6.71 -3.26
N LEU A 229 -1.89 7.98 -2.89
CA LEU A 229 -2.83 8.35 -1.82
C LEU A 229 -4.23 8.55 -2.33
N PRO A 230 -5.26 8.07 -1.60
CA PRO A 230 -6.65 8.34 -2.03
C PRO A 230 -6.99 9.85 -1.88
N ALA A 231 -7.89 10.38 -2.73
CA ALA A 231 -8.30 11.79 -2.71
C ALA A 231 -8.79 12.27 -1.34
N VAL A 232 -9.50 11.42 -0.60
CA VAL A 232 -9.97 11.67 0.75
C VAL A 232 -9.64 10.44 1.69
N ASP A 233 -9.17 10.74 2.91
CA ASP A 233 -8.90 9.76 3.97
C ASP A 233 -9.16 10.47 5.29
N GLU A 234 -10.20 10.04 6.02
CA GLU A 234 -10.61 10.64 7.28
C GLU A 234 -9.57 10.51 8.40
N HIS A 235 -8.75 9.45 8.34
CA HIS A 235 -7.73 9.17 9.34
C HIS A 235 -6.37 9.70 8.92
N ARG A 236 -6.34 10.62 7.95
CA ARG A 236 -5.11 11.21 7.46
C ARG A 236 -5.13 12.70 7.71
N GLU A 237 -3.95 13.32 7.77
CA GLU A 237 -3.76 14.75 7.91
C GLU A 237 -2.77 15.16 6.83
N PRO A 238 -3.19 15.94 5.81
CA PRO A 238 -4.55 16.49 5.59
C PRO A 238 -5.52 15.41 5.12
N GLN A 239 -6.82 15.56 5.41
CA GLN A 239 -7.81 14.57 4.98
C GLN A 239 -7.97 14.55 3.45
N LEU A 240 -7.88 15.71 2.81
CA LEU A 240 -8.05 15.89 1.37
C LEU A 240 -6.72 16.04 0.71
N LEU A 241 -6.52 15.24 -0.34
CA LEU A 241 -5.29 15.18 -1.11
C LEU A 241 -4.97 16.50 -1.75
N LEU A 242 -5.99 17.23 -2.25
CA LEU A 242 -5.76 18.53 -2.91
C LEU A 242 -5.07 19.53 -1.96
N ASP A 243 -5.22 19.37 -0.63
CA ASP A 243 -4.53 20.19 0.36
C ASP A 243 -3.00 20.01 0.37
N ILE A 244 -2.46 18.85 -0.15
CA ILE A 244 -1.00 18.64 -0.21
C ILE A 244 -0.36 19.66 -1.16
N LYS A 245 -1.11 20.11 -2.20
CA LYS A 245 -0.68 21.12 -3.17
C LYS A 245 -0.28 22.40 -2.45
N GLU A 246 -1.09 22.81 -1.45
CA GLU A 246 -0.86 24.01 -0.65
C GLU A 246 0.35 23.81 0.27
N GLU A 247 0.48 22.62 0.89
CA GLU A 247 1.65 22.29 1.73
C GLU A 247 2.94 22.37 0.92
N ILE A 248 2.93 21.86 -0.32
CA ILE A 248 4.06 21.92 -1.25
C ILE A 248 4.33 23.37 -1.69
N GLU A 249 3.28 24.10 -2.14
CA GLU A 249 3.35 25.49 -2.59
C GLU A 249 3.90 26.43 -1.53
N ASP A 250 3.45 26.29 -0.28
CA ASP A 250 3.89 27.11 0.82
C ASP A 250 5.28 26.68 1.34
N GLU A 251 6.07 26.00 0.46
CA GLU A 251 7.44 25.48 0.60
C GLU A 251 7.72 24.72 1.91
N GLU A 252 6.65 24.23 2.56
CA GLU A 252 6.74 23.45 3.79
C GLU A 252 7.38 22.08 3.43
N LYS A 253 7.03 21.55 2.23
CA LYS A 253 7.48 20.26 1.68
C LYS A 253 7.67 20.35 0.14
N THR A 254 8.15 19.24 -0.46
CA THR A 254 8.33 19.05 -1.91
C THR A 254 7.48 17.86 -2.37
N ILE A 255 7.26 17.71 -3.70
CA ILE A 255 6.48 16.59 -4.22
C ILE A 255 7.22 15.24 -3.96
N GLU A 256 8.56 15.29 -3.86
CA GLU A 256 9.45 14.16 -3.58
C GLU A 256 9.10 13.52 -2.23
N ASP A 257 8.65 14.33 -1.26
CA ASP A 257 8.23 13.83 0.06
C ASP A 257 6.89 13.09 0.00
N TYR A 258 6.17 13.21 -1.14
CA TYR A 258 4.86 12.60 -1.32
C TYR A 258 4.84 11.44 -2.33
N ILE A 259 5.87 11.34 -3.21
CA ILE A 259 6.01 10.26 -4.22
C ILE A 259 5.69 8.90 -3.60
N ASP A 260 4.85 8.12 -4.31
CA ASP A 260 4.52 6.77 -3.88
C ASP A 260 5.83 5.97 -3.75
N LYS A 261 6.05 5.37 -2.58
CA LYS A 261 7.24 4.57 -2.26
C LYS A 261 7.19 3.15 -2.87
N LYS A 262 6.02 2.74 -3.35
CA LYS A 262 5.74 1.45 -3.96
C LYS A 262 6.13 1.41 -5.45
N MET A 263 7.16 2.17 -5.86
CA MET A 263 7.72 2.11 -7.21
C MET A 263 9.22 2.29 -7.19
N ASN A 264 9.89 1.62 -8.13
CA ASN A 264 11.36 1.60 -8.27
C ASN A 264 11.87 2.37 -9.48
N ASP A 265 10.96 2.82 -10.38
CA ASP A 265 11.28 3.47 -11.65
C ASP A 265 10.83 4.93 -11.81
N ALA A 266 10.54 5.65 -10.71
CA ALA A 266 10.08 7.04 -10.79
C ALA A 266 11.23 8.03 -10.78
N ASP A 267 11.54 8.63 -11.94
CA ASP A 267 12.60 9.64 -11.97
C ASP A 267 12.05 11.01 -11.60
N SER A 268 12.83 11.77 -10.83
CA SER A 268 12.53 13.11 -10.31
C SER A 268 12.01 14.10 -11.37
N THR A 269 12.57 14.05 -12.59
CA THR A 269 12.25 14.94 -13.70
C THR A 269 10.84 14.71 -14.25
N SER A 270 10.47 13.46 -14.55
CA SER A 270 9.15 13.15 -15.08
C SER A 270 8.06 13.27 -13.99
N VAL A 271 8.42 13.00 -12.73
CA VAL A 271 7.52 13.15 -11.58
C VAL A 271 7.16 14.64 -11.41
N GLU A 272 8.17 15.53 -11.46
CA GLU A 272 7.99 16.99 -11.36
C GLU A 272 7.20 17.52 -12.54
N ALA A 273 7.42 16.96 -13.74
CA ALA A 273 6.69 17.30 -14.94
C ALA A 273 5.21 16.92 -14.76
N MET A 274 4.90 15.69 -14.23
CA MET A 274 3.50 15.33 -13.99
C MET A 274 2.89 16.23 -12.92
N TYR A 275 3.67 16.55 -11.86
CA TYR A 275 3.19 17.43 -10.79
C TYR A 275 2.86 18.83 -11.29
N SER A 276 3.70 19.39 -12.18
CA SER A 276 3.49 20.71 -12.79
C SER A 276 2.14 20.72 -13.57
N VAL A 277 1.84 19.64 -14.31
CA VAL A 277 0.55 19.45 -15.01
C VAL A 277 -0.60 19.42 -13.97
N ALA A 278 -0.46 18.62 -12.89
CA ALA A 278 -1.49 18.53 -11.85
C ALA A 278 -1.73 19.90 -11.21
N SER A 279 -0.64 20.64 -10.92
CA SER A 279 -0.65 21.96 -10.29
C SER A 279 -1.43 22.96 -11.12
N GLN A 280 -1.15 22.99 -12.46
CA GLN A 280 -1.85 23.83 -13.45
C GLN A 280 -3.34 23.44 -13.52
N CYS A 281 -3.66 22.14 -13.52
CA CYS A 281 -5.05 21.64 -13.53
C CYS A 281 -5.80 22.10 -12.32
N LEU A 282 -5.09 22.22 -11.19
CA LEU A 282 -5.69 22.54 -9.91
C LEU A 282 -5.76 24.05 -9.56
N HIS A 283 -5.62 24.95 -10.57
CA HIS A 283 -5.81 26.40 -10.36
C HIS A 283 -7.25 26.58 -9.87
N GLU A 284 -7.46 27.28 -8.76
CA GLU A 284 -8.82 27.46 -8.24
C GLU A 284 -9.69 28.29 -9.20
N LYS A 285 -9.03 29.17 -10.00
CA LYS A 285 -9.61 30.01 -11.03
C LYS A 285 -9.73 29.19 -12.32
N LYS A 286 -10.96 28.77 -12.65
CA LYS A 286 -11.31 27.95 -13.81
C LYS A 286 -10.67 28.43 -15.13
N ASN A 287 -10.53 29.76 -15.33
CA ASN A 287 -9.97 30.31 -16.55
C ASN A 287 -8.43 30.26 -16.59
N LYS A 288 -7.79 30.00 -15.46
CA LYS A 288 -6.33 29.90 -15.38
C LYS A 288 -5.82 28.45 -15.61
N ARG A 289 -6.76 27.48 -15.66
CA ARG A 289 -6.49 26.07 -15.89
C ARG A 289 -6.24 25.80 -17.37
N PRO A 290 -5.34 24.83 -17.72
CA PRO A 290 -5.16 24.50 -19.14
C PRO A 290 -6.38 23.74 -19.69
N ASP A 291 -6.54 23.71 -21.02
CA ASP A 291 -7.61 22.91 -21.60
C ASP A 291 -7.07 21.49 -21.75
N ILE A 292 -7.94 20.50 -22.02
CA ILE A 292 -7.51 19.12 -22.13
C ILE A 292 -6.42 18.92 -23.22
N LYS A 293 -6.48 19.68 -24.33
CA LYS A 293 -5.47 19.60 -25.40
C LYS A 293 -4.08 20.03 -24.90
N LYS A 294 -4.01 21.04 -24.00
CA LYS A 294 -2.74 21.46 -23.40
C LYS A 294 -2.26 20.36 -22.42
N VAL A 295 -3.18 19.75 -21.65
CA VAL A 295 -2.92 18.65 -20.72
C VAL A 295 -2.30 17.47 -21.48
N GLN A 296 -2.89 17.08 -22.63
CA GLN A 296 -2.37 16.00 -23.50
C GLN A 296 -0.93 16.28 -23.93
N GLN A 297 -0.67 17.51 -24.45
CA GLN A 297 0.65 17.96 -24.93
C GLN A 297 1.70 17.91 -23.83
N LEU A 298 1.38 18.44 -22.64
CA LEU A 298 2.31 18.42 -21.50
C LEU A 298 2.59 16.98 -21.03
N LEU A 299 1.55 16.11 -21.03
CA LEU A 299 1.70 14.70 -20.65
C LEU A 299 2.54 13.92 -21.66
N GLN A 300 2.43 14.25 -22.99
CA GLN A 300 3.25 13.57 -24.02
C GLN A 300 4.68 14.06 -23.97
N GLU A 301 4.92 15.37 -23.66
CA GLU A 301 6.26 15.96 -23.54
C GLU A 301 7.04 15.32 -22.38
N MET A 302 6.33 14.99 -21.28
CA MET A 302 6.81 14.35 -20.05
C MET A 302 7.55 13.03 -20.35
N THR A 303 7.05 12.25 -21.32
CA THR A 303 7.64 10.95 -21.71
C THR A 303 8.49 11.10 -22.98
N ARG B 9 34.52 -18.78 15.38
CA ARG B 9 33.36 -19.26 14.62
C ARG B 9 33.07 -18.41 13.37
N PHE B 10 33.31 -17.08 13.45
CA PHE B 10 33.10 -16.14 12.36
C PHE B 10 34.43 -15.75 11.72
N HIS B 11 34.47 -15.72 10.37
CA HIS B 11 35.67 -15.36 9.61
C HIS B 11 36.08 -13.90 9.77
N SER B 12 37.40 -13.65 9.87
CA SER B 12 37.93 -12.30 10.00
C SER B 12 38.32 -11.74 8.62
N PHE B 13 37.38 -11.04 7.98
CA PHE B 13 37.52 -10.41 6.67
C PHE B 13 38.45 -9.21 6.78
N SER B 14 39.22 -8.98 5.71
CA SER B 14 40.13 -7.83 5.59
C SER B 14 39.30 -6.62 5.17
N PHE B 15 39.66 -5.42 5.65
CA PHE B 15 38.96 -4.19 5.29
C PHE B 15 39.09 -3.90 3.79
N TYR B 16 40.24 -4.26 3.18
CA TYR B 16 40.47 -4.09 1.74
C TYR B 16 39.56 -5.04 0.95
N GLU B 17 39.33 -6.27 1.48
CA GLU B 17 38.45 -7.25 0.85
C GLU B 17 37.01 -6.73 0.84
N LEU B 18 36.57 -6.16 1.98
CA LEU B 18 35.22 -5.63 2.11
C LEU B 18 35.02 -4.36 1.30
N LYS B 19 36.07 -3.53 1.16
CA LYS B 19 36.03 -2.33 0.33
C LYS B 19 35.92 -2.80 -1.12
N ASN B 20 36.67 -3.83 -1.50
CA ASN B 20 36.65 -4.36 -2.86
C ASN B 20 35.30 -4.98 -3.24
N VAL B 21 34.74 -5.86 -2.39
CA VAL B 21 33.49 -6.58 -2.67
C VAL B 21 32.24 -5.66 -2.70
N THR B 22 32.29 -4.48 -2.04
CA THR B 22 31.19 -3.52 -2.00
C THR B 22 31.36 -2.37 -3.01
N ASN B 23 32.27 -2.54 -4.01
CA ASN B 23 32.62 -1.53 -5.02
C ASN B 23 33.02 -0.20 -4.35
N ASN B 24 33.98 -0.30 -3.40
CA ASN B 24 34.54 0.78 -2.58
C ASN B 24 33.47 1.48 -1.74
N PHE B 25 32.61 0.67 -1.07
CA PHE B 25 31.48 1.10 -0.24
C PHE B 25 30.66 2.16 -0.97
N ASP B 26 30.12 1.80 -2.15
CA ASP B 26 29.33 2.70 -3.00
C ASP B 26 28.15 3.24 -2.24
N GLU B 27 28.23 4.50 -1.75
CA GLU B 27 27.14 5.14 -1.00
C GLU B 27 25.88 5.35 -1.85
N ARG B 28 25.53 4.38 -2.67
CA ARG B 28 24.41 4.48 -3.56
C ARG B 28 23.47 3.25 -3.48
N PRO B 29 22.46 3.21 -4.36
CA PRO B 29 21.44 2.16 -4.32
C PRO B 29 21.45 1.18 -5.50
N ILE B 30 20.91 -0.05 -5.33
CA ILE B 30 20.80 -1.09 -6.38
C ILE B 30 19.96 -0.64 -7.57
N SER B 31 18.89 0.14 -7.31
CA SER B 31 18.04 0.72 -8.36
C SER B 31 18.95 1.52 -9.31
N VAL B 32 19.74 2.44 -8.75
CA VAL B 32 20.70 3.28 -9.46
C VAL B 32 21.98 2.54 -9.91
N GLY B 33 22.33 1.43 -9.26
CA GLY B 33 23.52 0.64 -9.56
C GLY B 33 24.60 0.61 -8.49
N GLY B 34 24.31 1.19 -7.33
CA GLY B 34 25.22 1.24 -6.19
C GLY B 34 25.27 -0.03 -5.37
N ASN B 35 25.67 0.11 -4.10
CA ASN B 35 25.81 -1.02 -3.20
C ASN B 35 25.12 -0.80 -1.87
N LYS B 36 24.62 0.38 -1.63
CA LYS B 36 23.91 0.70 -0.40
C LYS B 36 22.47 0.18 -0.46
N MET B 37 21.98 -0.31 0.67
CA MET B 37 20.62 -0.81 0.78
C MET B 37 19.89 -0.29 2.03
N GLY B 38 20.55 0.53 2.84
CA GLY B 38 19.95 1.11 4.03
C GLY B 38 20.88 1.80 5.00
N GLU B 39 20.30 2.69 5.85
CA GLU B 39 21.02 3.45 6.87
C GLU B 39 20.27 3.50 8.20
N PHE B 42 21.48 1.35 12.09
CA PHE B 42 22.53 1.66 13.06
C PHE B 42 23.80 2.25 12.40
N GLY B 43 24.01 1.90 11.14
CA GLY B 43 25.13 2.34 10.31
C GLY B 43 24.71 2.31 8.85
N VAL B 44 25.60 1.84 7.94
CA VAL B 44 25.27 1.73 6.50
C VAL B 44 25.45 0.29 6.00
N VAL B 45 24.38 -0.30 5.46
CA VAL B 45 24.37 -1.67 4.96
C VAL B 45 24.57 -1.68 3.43
N TYR B 46 25.56 -2.46 2.97
CA TYR B 46 25.95 -2.57 1.57
C TYR B 46 25.86 -3.99 1.02
N LYS B 47 25.56 -4.12 -0.28
CA LYS B 47 25.52 -5.39 -0.99
C LYS B 47 26.95 -5.73 -1.43
N GLY B 48 27.28 -7.00 -1.33
CA GLY B 48 28.57 -7.57 -1.72
C GLY B 48 28.40 -8.98 -2.25
N TYR B 49 29.39 -9.47 -3.00
CA TYR B 49 29.38 -10.80 -3.59
C TYR B 49 30.74 -11.46 -3.41
N VAL B 50 30.92 -12.16 -2.27
CA VAL B 50 32.17 -12.82 -1.91
C VAL B 50 32.02 -14.36 -2.03
N ASN B 51 33.01 -15.01 -2.66
CA ASN B 51 33.10 -16.47 -2.86
C ASN B 51 31.84 -17.06 -3.54
N ASN B 52 31.38 -16.39 -4.63
CA ASN B 52 30.19 -16.74 -5.43
C ASN B 52 28.90 -16.80 -4.57
N THR B 53 28.85 -15.92 -3.53
CA THR B 53 27.78 -15.81 -2.55
C THR B 53 27.48 -14.33 -2.25
N THR B 54 26.21 -13.94 -2.37
CA THR B 54 25.77 -12.57 -2.07
C THR B 54 25.76 -12.40 -0.55
N VAL B 55 26.29 -11.28 -0.06
CA VAL B 55 26.37 -10.95 1.37
C VAL B 55 25.90 -9.53 1.62
N ALA B 56 25.70 -9.21 2.90
CA ALA B 56 25.33 -7.89 3.37
C ALA B 56 26.46 -7.43 4.28
N VAL B 57 27.01 -6.25 4.01
CA VAL B 57 28.10 -5.70 4.82
C VAL B 57 27.60 -4.46 5.53
N LYS B 58 27.60 -4.49 6.86
CA LYS B 58 27.18 -3.35 7.66
C LYS B 58 28.47 -2.66 8.10
N LYS B 59 28.68 -1.44 7.60
CA LYS B 59 29.85 -0.64 7.97
C LYS B 59 29.43 0.34 9.07
N LEU B 60 30.09 0.26 10.24
CA LEU B 60 29.82 1.10 11.40
C LEU B 60 30.69 2.35 11.41
N GLU B 69 32.45 5.06 18.82
CA GLU B 69 32.87 5.14 20.22
C GLU B 69 32.10 4.13 21.11
N GLU B 70 30.76 4.25 21.16
CA GLU B 70 29.84 3.38 21.90
C GLU B 70 29.30 2.31 20.94
N LEU B 71 29.75 2.37 19.66
CA LEU B 71 29.41 1.44 18.59
C LEU B 71 30.17 0.13 18.77
N LYS B 72 31.37 0.20 19.42
CA LYS B 72 32.22 -0.96 19.72
C LYS B 72 31.47 -1.89 20.70
N GLN B 73 30.65 -1.29 21.59
CA GLN B 73 29.79 -2.00 22.55
C GLN B 73 28.76 -2.84 21.77
N GLN B 74 28.11 -2.20 20.76
CA GLN B 74 27.10 -2.82 19.88
C GLN B 74 27.73 -3.90 18.99
N PHE B 75 28.94 -3.64 18.46
CA PHE B 75 29.73 -4.53 17.59
C PHE B 75 30.11 -5.81 18.33
N ASP B 76 30.69 -5.68 19.54
CA ASP B 76 31.11 -6.81 20.37
C ASP B 76 29.93 -7.64 20.85
N GLN B 77 28.83 -6.96 21.26
CA GLN B 77 27.59 -7.61 21.73
C GLN B 77 26.94 -8.43 20.63
N GLU B 78 26.93 -7.89 19.39
CA GLU B 78 26.40 -8.57 18.20
C GLU B 78 27.14 -9.90 17.97
N ILE B 79 28.50 -9.86 17.92
CA ILE B 79 29.34 -11.05 17.74
C ILE B 79 29.13 -12.05 18.89
N LYS B 80 29.13 -11.55 20.15
CA LYS B 80 28.94 -12.31 21.39
C LYS B 80 27.63 -13.10 21.36
N VAL B 81 26.49 -12.40 21.15
CA VAL B 81 25.15 -12.99 21.09
C VAL B 81 25.03 -13.96 19.90
N MET B 82 25.53 -13.54 18.70
CA MET B 82 25.49 -14.36 17.49
C MET B 82 26.32 -15.63 17.59
N ALA B 83 27.41 -15.59 18.39
CA ALA B 83 28.28 -16.77 18.61
C ALA B 83 27.50 -17.84 19.37
N LYS B 84 26.68 -17.40 20.34
CA LYS B 84 25.86 -18.24 21.21
C LYS B 84 24.51 -18.65 20.60
N CYS B 85 23.95 -17.84 19.67
CA CYS B 85 22.61 -18.07 19.10
C CYS B 85 22.60 -18.45 17.63
N GLN B 86 22.22 -19.71 17.35
CA GLN B 86 22.08 -20.22 15.98
C GLN B 86 20.73 -20.92 15.88
N HIS B 87 19.81 -20.31 15.12
CA HIS B 87 18.45 -20.82 14.97
C HIS B 87 17.94 -20.44 13.58
N GLU B 88 16.98 -21.25 13.06
CA GLU B 88 16.32 -21.14 11.76
C GLU B 88 15.65 -19.77 11.59
N ASN B 89 15.19 -19.16 12.72
CA ASN B 89 14.49 -17.89 12.72
C ASN B 89 15.30 -16.74 13.28
N LEU B 90 16.61 -16.80 13.12
CA LEU B 90 17.52 -15.73 13.52
C LEU B 90 18.46 -15.54 12.37
N VAL B 91 18.84 -14.28 12.02
CA VAL B 91 19.79 -14.02 10.92
C VAL B 91 21.13 -14.63 11.29
N GLU B 92 21.94 -14.98 10.28
CA GLU B 92 23.25 -15.56 10.52
C GLU B 92 24.35 -14.58 10.18
N LEU B 93 25.26 -14.34 11.12
CA LEU B 93 26.44 -13.49 10.87
C LEU B 93 27.49 -14.43 10.26
N LEU B 94 28.13 -14.00 9.19
CA LEU B 94 29.14 -14.81 8.50
C LEU B 94 30.54 -14.45 8.97
N GLY B 95 30.83 -13.16 9.05
CA GLY B 95 32.13 -12.65 9.47
C GLY B 95 32.12 -11.24 10.02
N PHE B 96 33.32 -10.66 10.16
CA PHE B 96 33.55 -9.33 10.71
C PHE B 96 34.90 -8.78 10.23
N SER B 97 35.14 -7.47 10.42
CA SER B 97 36.41 -6.87 10.08
C SER B 97 36.91 -6.00 11.24
N SER B 98 38.11 -6.33 11.75
CA SER B 98 38.77 -5.67 12.88
C SER B 98 39.78 -4.59 12.43
N ASP B 99 40.60 -4.91 11.41
CA ASP B 99 41.60 -4.01 10.82
C ASP B 99 40.93 -2.97 9.93
N GLY B 100 41.62 -1.87 9.66
CA GLY B 100 41.09 -0.84 8.78
C GLY B 100 40.30 0.25 9.47
N ASP B 101 39.95 1.28 8.70
CA ASP B 101 39.26 2.51 9.09
C ASP B 101 37.97 2.32 9.92
N ASP B 102 37.05 1.45 9.45
CA ASP B 102 35.77 1.23 10.13
C ASP B 102 35.48 -0.22 10.50
N LEU B 103 34.62 -0.43 11.53
CA LEU B 103 34.19 -1.76 11.99
C LEU B 103 33.11 -2.28 11.05
N CYS B 104 33.25 -3.52 10.58
CA CYS B 104 32.31 -4.13 9.64
C CYS B 104 31.75 -5.46 10.13
N LEU B 105 30.46 -5.70 9.84
CA LEU B 105 29.78 -6.96 10.13
C LEU B 105 29.26 -7.53 8.81
N VAL B 106 29.53 -8.81 8.55
CA VAL B 106 29.15 -9.47 7.31
C VAL B 106 28.06 -10.52 7.60
N TYR B 107 26.90 -10.42 6.92
CA TYR B 107 25.77 -11.33 7.14
C TYR B 107 25.34 -12.05 5.88
N VAL B 108 24.47 -13.05 6.06
CA VAL B 108 23.84 -13.77 4.95
C VAL B 108 22.89 -12.73 4.28
N TYR B 109 22.89 -12.69 2.95
CA TYR B 109 22.01 -11.79 2.22
C TYR B 109 20.57 -12.34 2.29
N MET B 110 19.63 -11.47 2.69
CA MET B 110 18.21 -11.79 2.82
C MET B 110 17.55 -11.24 1.55
N PRO B 111 17.24 -12.10 0.56
CA PRO B 111 16.67 -11.58 -0.70
C PRO B 111 15.37 -10.79 -0.59
N ASN B 112 14.58 -10.99 0.47
CA ASN B 112 13.33 -10.26 0.56
C ASN B 112 13.30 -9.14 1.58
N GLY B 113 14.49 -8.65 1.96
CA GLY B 113 14.65 -7.54 2.90
C GLY B 113 13.88 -7.69 4.19
N SER B 114 13.39 -6.58 4.75
CA SER B 114 12.68 -6.58 6.02
C SER B 114 11.19 -6.74 5.86
N LEU B 115 10.50 -7.15 6.94
CA LEU B 115 9.06 -7.30 6.98
C LEU B 115 8.42 -5.90 6.84
N LEU B 116 9.07 -4.85 7.41
CA LEU B 116 8.62 -3.45 7.28
C LEU B 116 8.56 -3.07 5.79
N ASP B 117 9.67 -3.27 5.04
CA ASP B 117 9.76 -3.01 3.60
C ASP B 117 8.68 -3.76 2.79
N ARG B 118 8.40 -5.01 3.15
CA ARG B 118 7.45 -5.85 2.41
C ARG B 118 6.01 -5.50 2.72
N LEU B 119 5.74 -5.11 3.98
CA LEU B 119 4.41 -4.64 4.39
C LEU B 119 4.11 -3.31 3.74
N SER B 120 5.19 -2.52 3.49
CA SER B 120 5.02 -1.23 2.85
C SER B 120 5.12 -1.32 1.31
N CYS B 121 5.43 -2.53 0.76
CA CYS B 121 5.57 -2.82 -0.69
C CYS B 121 6.63 -1.93 -1.31
N LEU B 122 7.69 -1.66 -0.55
CA LEU B 122 8.80 -0.81 -0.95
C LEU B 122 9.41 -1.27 -2.26
N ASP B 123 9.64 -0.33 -3.18
CA ASP B 123 10.21 -0.56 -4.51
C ASP B 123 9.32 -1.42 -5.41
N GLY B 124 8.01 -1.34 -5.24
CA GLY B 124 7.06 -2.04 -6.11
C GLY B 124 6.94 -3.53 -5.92
N THR B 125 7.33 -4.07 -4.73
CA THR B 125 7.18 -5.51 -4.50
C THR B 125 5.69 -5.85 -4.29
N PRO B 126 5.19 -7.04 -4.67
CA PRO B 126 3.76 -7.34 -4.41
C PRO B 126 3.45 -7.48 -2.92
N PRO B 127 2.22 -7.15 -2.50
CA PRO B 127 1.85 -7.32 -1.08
C PRO B 127 1.99 -8.76 -0.62
N LEU B 128 2.28 -8.96 0.68
CA LEU B 128 2.40 -10.31 1.25
C LEU B 128 0.99 -10.81 1.45
N SER B 129 0.77 -12.08 1.15
CA SER B 129 -0.55 -12.68 1.34
C SER B 129 -0.71 -12.97 2.83
N TRP B 130 -1.94 -13.23 3.25
CA TRP B 130 -2.25 -13.63 4.61
C TRP B 130 -1.55 -14.93 4.96
N HIS B 131 -1.48 -15.89 4.00
CA HIS B 131 -0.78 -17.16 4.16
C HIS B 131 0.69 -16.94 4.50
N MET B 132 1.42 -16.06 3.73
CA MET B 132 2.82 -15.72 4.03
C MET B 132 2.94 -15.00 5.38
N ARG B 133 2.01 -14.05 5.67
CA ARG B 133 1.98 -13.30 6.95
C ARG B 133 1.89 -14.23 8.19
N CYS B 134 1.06 -15.28 8.11
CA CYS B 134 0.90 -16.28 9.16
C CYS B 134 2.19 -17.04 9.39
N LYS B 135 2.90 -17.41 8.30
CA LYS B 135 4.16 -18.15 8.41
C LYS B 135 5.22 -17.25 9.01
N ILE B 136 5.19 -15.95 8.64
CA ILE B 136 6.13 -14.96 9.16
C ILE B 136 5.89 -14.73 10.66
N ALA B 137 4.62 -14.60 11.08
CA ALA B 137 4.26 -14.39 12.50
C ALA B 137 4.75 -15.57 13.36
N GLN B 138 4.51 -16.83 12.87
CA GLN B 138 4.94 -18.07 13.53
C GLN B 138 6.44 -18.17 13.61
N GLY B 139 7.12 -17.85 12.51
CA GLY B 139 8.57 -17.89 12.46
C GLY B 139 9.22 -16.90 13.40
N ALA B 140 8.77 -15.63 13.40
CA ALA B 140 9.30 -14.59 14.28
C ALA B 140 9.11 -14.99 15.78
N ALA B 141 7.96 -15.59 16.11
CA ALA B 141 7.61 -16.08 17.44
C ALA B 141 8.57 -17.22 17.84
N ASN B 142 8.91 -18.12 16.87
CA ASN B 142 9.85 -19.23 17.11
C ASN B 142 11.25 -18.69 17.40
N GLY B 143 11.62 -17.61 16.72
CA GLY B 143 12.91 -16.94 16.94
C GLY B 143 12.97 -16.25 18.29
N ILE B 144 11.84 -15.64 18.74
CA ILE B 144 11.78 -14.99 20.08
C ILE B 144 11.85 -16.06 21.18
N ASN B 145 11.18 -17.21 20.95
CA ASN B 145 11.18 -18.33 21.88
C ASN B 145 12.59 -18.86 22.11
N PHE B 146 13.39 -19.02 21.05
CA PHE B 146 14.77 -19.47 21.17
C PHE B 146 15.58 -18.48 22.00
N LEU B 147 15.39 -17.17 21.76
CA LEU B 147 16.11 -16.14 22.49
C LEU B 147 15.79 -16.19 23.98
N HIS B 148 14.49 -16.28 24.33
CA HIS B 148 14.00 -16.32 25.70
C HIS B 148 14.40 -17.63 26.42
N GLU B 149 14.43 -18.77 25.70
CA GLU B 149 14.86 -20.07 26.23
C GLU B 149 16.36 -20.03 26.55
N ASN B 150 17.12 -19.26 25.77
CA ASN B 150 18.56 -19.10 25.96
C ASN B 150 18.91 -17.83 26.74
N HIS B 151 17.94 -17.35 27.51
CA HIS B 151 18.02 -16.20 28.42
C HIS B 151 18.57 -14.90 27.78
N HIS B 152 17.96 -14.47 26.66
CA HIS B 152 18.29 -13.21 25.99
C HIS B 152 17.01 -12.39 25.83
N ILE B 153 17.12 -11.08 26.05
CA ILE B 153 16.04 -10.13 25.89
C ILE B 153 16.51 -9.32 24.72
N HIS B 154 15.74 -9.33 23.61
CA HIS B 154 16.10 -8.64 22.38
C HIS B 154 16.17 -7.14 22.57
N ARG B 155 15.08 -6.55 23.13
CA ARG B 155 14.90 -5.13 23.46
C ARG B 155 14.58 -4.23 22.26
N ASP B 156 14.55 -4.77 21.03
CA ASP B 156 14.21 -3.97 19.86
C ASP B 156 13.47 -4.80 18.80
N ILE B 157 12.44 -5.52 19.24
CA ILE B 157 11.58 -6.33 18.39
C ILE B 157 10.70 -5.32 17.63
N LYS B 158 10.80 -5.35 16.30
CA LYS B 158 10.06 -4.48 15.38
C LYS B 158 10.13 -5.11 14.00
N SER B 159 9.24 -4.70 13.09
CA SER B 159 9.16 -5.21 11.70
C SER B 159 10.45 -4.96 10.90
N ALA B 160 11.13 -3.82 11.16
CA ALA B 160 12.41 -3.55 10.49
C ALA B 160 13.49 -4.56 10.90
N ASN B 161 13.33 -5.21 12.08
CA ASN B 161 14.27 -6.20 12.61
C ASN B 161 13.86 -7.64 12.34
N ILE B 162 12.87 -7.84 11.47
CA ILE B 162 12.46 -9.18 11.06
C ILE B 162 12.81 -9.25 9.59
N LEU B 163 13.90 -9.93 9.27
CA LEU B 163 14.34 -10.07 7.89
C LEU B 163 13.74 -11.30 7.24
N LEU B 164 13.70 -11.31 5.88
CA LEU B 164 13.05 -12.38 5.12
C LEU B 164 13.96 -13.01 4.05
N ASP B 165 14.10 -14.34 4.09
CA ASP B 165 14.93 -15.06 3.14
C ASP B 165 14.16 -15.41 1.82
N GLU B 166 14.71 -16.35 1.02
CA GLU B 166 14.20 -16.81 -0.28
C GLU B 166 12.84 -17.48 -0.14
N ALA B 167 12.52 -18.08 1.03
CA ALA B 167 11.22 -18.71 1.21
C ALA B 167 10.32 -17.84 2.08
N PHE B 168 10.71 -16.56 2.31
CA PHE B 168 10.04 -15.61 3.21
C PHE B 168 9.97 -16.17 4.65
N THR B 169 11.06 -16.81 5.09
CA THR B 169 11.20 -17.32 6.45
C THR B 169 11.65 -16.14 7.28
N ALA B 170 10.99 -15.92 8.43
CA ALA B 170 11.30 -14.81 9.34
C ALA B 170 12.65 -15.04 10.01
N LYS B 171 13.52 -14.03 9.95
CA LYS B 171 14.83 -14.07 10.58
C LYS B 171 15.00 -12.83 11.43
N ILE B 172 15.03 -13.01 12.76
CA ILE B 172 15.22 -11.89 13.68
C ILE B 172 16.67 -11.37 13.57
N SER B 173 16.82 -10.05 13.40
CA SER B 173 18.12 -9.38 13.32
C SER B 173 18.30 -8.36 14.45
N ASP B 174 19.52 -7.78 14.52
CA ASP B 174 19.96 -6.72 15.42
C ASP B 174 19.95 -7.14 16.89
N PHE B 175 21.10 -7.65 17.34
CA PHE B 175 21.34 -8.13 18.70
C PHE B 175 22.32 -7.24 19.50
N GLY B 176 22.62 -6.06 18.97
CA GLY B 176 23.52 -5.07 19.57
C GLY B 176 23.04 -4.55 20.92
N LEU B 177 21.71 -4.44 21.11
CA LEU B 177 21.12 -3.97 22.37
C LEU B 177 20.65 -5.11 23.26
N ALA B 178 20.78 -6.39 22.82
CA ALA B 178 20.32 -7.55 23.60
C ALA B 178 20.93 -7.64 25.01
N ARG B 179 20.15 -8.17 25.98
CA ARG B 179 20.57 -8.35 27.37
C ARG B 179 20.22 -9.72 27.93
N ALA B 180 21.12 -10.29 28.75
CA ALA B 180 20.90 -11.58 29.41
C ALA B 180 19.76 -11.48 30.45
N SER B 181 18.79 -12.42 30.42
CA SER B 181 17.62 -12.42 31.31
C SER B 181 17.92 -13.08 32.67
N GLN B 186 14.34 -10.39 39.99
CA GLN B 186 14.42 -10.90 38.62
C GLN B 186 14.43 -9.78 37.58
N TPO B 187 13.47 -8.83 37.68
CA TPO B 187 13.38 -7.69 36.77
CB TPO B 187 11.94 -7.22 36.51
CG2 TPO B 187 11.84 -5.94 35.64
OG1 TPO B 187 11.29 -8.30 35.81
P TPO B 187 10.07 -8.95 36.51
O1P TPO B 187 10.45 -10.35 36.98
O2P TPO B 187 9.47 -8.19 37.73
O3P TPO B 187 8.98 -9.06 35.46
C TPO B 187 14.34 -6.60 37.24
O TPO B 187 14.15 -6.01 38.31
N VAL B 188 15.36 -6.35 36.42
CA VAL B 188 16.43 -5.36 36.65
C VAL B 188 15.98 -4.02 36.04
N MET B 189 16.50 -2.90 36.57
CA MET B 189 16.23 -1.58 36.03
C MET B 189 17.52 -0.97 35.50
N TPO B 190 17.40 -0.06 34.52
CA TPO B 190 18.54 0.58 33.88
CB TPO B 190 18.86 -0.03 32.44
CG2 TPO B 190 17.78 0.16 31.35
OG1 TPO B 190 20.05 0.59 31.84
P TPO B 190 21.40 -0.20 31.95
O1P TPO B 190 21.91 -0.55 30.55
O2P TPO B 190 21.36 -1.52 32.74
O3P TPO B 190 22.38 0.78 32.54
C TPO B 190 18.41 2.07 33.71
O TPO B 190 17.31 2.61 33.56
N SEP B 191 19.56 2.73 33.73
CA SEP B 191 19.79 4.12 33.40
CB SEP B 191 20.81 4.78 34.36
OG SEP B 191 21.89 3.88 34.74
C SEP B 191 20.36 3.95 32.00
O SEP B 191 21.33 3.19 31.83
P SEP B 191 23.31 4.27 34.23
O1P SEP B 191 23.82 3.17 33.27
O2P SEP B 191 23.46 5.67 33.58
O3P SEP B 191 24.22 4.21 35.46
N ARG B 192 19.69 4.53 31.01
CA ARG B 192 19.93 4.49 29.55
C ARG B 192 18.89 3.53 28.93
N ILE B 193 17.73 4.13 28.68
CA ILE B 193 16.59 3.46 28.10
C ILE B 193 16.80 3.39 26.58
N VAL B 194 16.71 2.17 26.03
CA VAL B 194 16.90 1.92 24.59
C VAL B 194 15.70 1.14 24.01
N GLY B 195 15.53 1.28 22.70
CA GLY B 195 14.46 0.65 21.93
C GLY B 195 13.75 1.65 21.03
N THR B 196 12.64 1.23 20.41
CA THR B 196 11.85 2.07 19.50
C THR B 196 10.53 2.36 20.17
N THR B 197 10.30 3.65 20.51
CA THR B 197 9.14 4.16 21.25
C THR B 197 7.82 3.57 20.82
N ALA B 198 7.50 3.60 19.51
CA ALA B 198 6.23 3.09 18.96
C ALA B 198 5.96 1.62 19.30
N TYR B 199 7.03 0.87 19.59
CA TYR B 199 6.99 -0.55 19.89
C TYR B 199 7.21 -0.87 21.36
N MET B 200 7.63 0.11 22.17
CA MET B 200 8.01 -0.15 23.57
C MET B 200 6.88 -0.32 24.58
N ALA B 201 7.03 -1.33 25.44
CA ALA B 201 6.13 -1.61 26.57
C ALA B 201 6.25 -0.48 27.61
N PRO B 202 5.18 -0.19 28.40
CA PRO B 202 5.29 0.89 29.42
C PRO B 202 6.47 0.72 30.39
N GLU B 203 6.72 -0.52 30.90
CA GLU B 203 7.82 -0.75 31.84
C GLU B 203 9.20 -0.55 31.20
N ALA B 204 9.34 -0.86 29.88
CA ALA B 204 10.62 -0.68 29.18
C ALA B 204 10.87 0.80 29.01
N LEU B 205 9.79 1.58 28.83
CA LEU B 205 9.89 3.04 28.75
C LEU B 205 10.31 3.62 30.12
N ARG B 206 9.99 2.91 31.22
CA ARG B 206 10.35 3.29 32.60
C ARG B 206 11.77 2.85 33.01
N GLY B 207 12.39 1.98 32.20
CA GLY B 207 13.75 1.53 32.45
C GLY B 207 13.88 0.10 32.88
N GLU B 208 12.77 -0.63 33.01
CA GLU B 208 12.81 -2.05 33.38
C GLU B 208 13.34 -2.90 32.23
N ILE B 209 14.10 -3.95 32.56
CA ILE B 209 14.66 -4.90 31.60
C ILE B 209 13.99 -6.23 31.88
N THR B 210 13.07 -6.65 30.99
CA THR B 210 12.32 -7.91 31.16
C THR B 210 11.96 -8.54 29.80
N PRO B 211 12.03 -9.89 29.65
CA PRO B 211 11.62 -10.49 28.36
C PRO B 211 10.14 -10.21 28.03
N LYS B 212 9.33 -9.80 29.04
CA LYS B 212 7.92 -9.46 28.91
C LYS B 212 7.71 -8.25 28.00
N SER B 213 8.74 -7.39 27.89
CA SER B 213 8.72 -6.22 27.03
C SER B 213 8.82 -6.65 25.55
N ASP B 214 9.53 -7.77 25.26
CA ASP B 214 9.70 -8.31 23.92
C ASP B 214 8.35 -8.79 23.39
N ILE B 215 7.48 -9.34 24.29
CA ILE B 215 6.13 -9.82 23.96
C ILE B 215 5.25 -8.65 23.53
N TYR B 216 5.31 -7.54 24.27
CA TYR B 216 4.55 -6.34 23.97
C TYR B 216 4.92 -5.83 22.57
N SER B 217 6.23 -5.72 22.26
CA SER B 217 6.75 -5.29 20.97
C SER B 217 6.33 -6.24 19.84
N PHE B 218 6.21 -7.54 20.14
CA PHE B 218 5.77 -8.53 19.17
C PHE B 218 4.27 -8.32 18.86
N GLY B 219 3.50 -7.91 19.87
CA GLY B 219 2.08 -7.58 19.73
C GLY B 219 1.87 -6.47 18.73
N VAL B 220 2.71 -5.42 18.77
CA VAL B 220 2.71 -4.30 17.81
C VAL B 220 3.03 -4.81 16.39
N VAL B 221 4.03 -5.72 16.27
CA VAL B 221 4.42 -6.34 14.99
C VAL B 221 3.21 -7.10 14.40
N LEU B 222 2.47 -7.85 15.26
CA LEU B 222 1.28 -8.57 14.82
C LEU B 222 0.22 -7.65 14.27
N LEU B 223 0.06 -6.44 14.89
CA LEU B 223 -0.87 -5.43 14.39
C LEU B 223 -0.39 -4.92 13.05
N GLU B 224 0.95 -4.68 12.89
CA GLU B 224 1.51 -4.22 11.61
C GLU B 224 1.23 -5.26 10.50
N ILE B 225 1.29 -6.56 10.85
CA ILE B 225 1.03 -7.68 9.95
C ILE B 225 -0.43 -7.73 9.52
N ILE B 226 -1.37 -7.61 10.49
CA ILE B 226 -2.80 -7.62 10.20
C ILE B 226 -3.24 -6.45 9.30
N THR B 227 -2.74 -5.26 9.59
CA THR B 227 -3.16 -3.98 9.01
C THR B 227 -2.35 -3.45 7.85
N GLY B 228 -1.07 -3.79 7.78
CA GLY B 228 -0.16 -3.21 6.79
C GLY B 228 0.28 -1.81 7.18
N LEU B 229 -0.17 -1.34 8.36
CA LEU B 229 0.14 0.01 8.84
C LEU B 229 1.42 0.10 9.61
N PRO B 230 2.23 1.17 9.41
CA PRO B 230 3.45 1.32 10.25
C PRO B 230 3.08 1.61 11.73
N ALA B 231 3.94 1.20 12.67
CA ALA B 231 3.70 1.38 14.11
C ALA B 231 3.42 2.84 14.52
N VAL B 232 4.12 3.79 13.89
CA VAL B 232 3.93 5.21 14.08
C VAL B 232 3.80 5.95 12.69
N ASP B 233 2.87 6.88 12.59
CA ASP B 233 2.66 7.75 11.44
C ASP B 233 2.12 9.09 11.98
N GLU B 234 2.92 10.16 11.86
CA GLU B 234 2.56 11.47 12.37
C GLU B 234 1.35 12.10 11.67
N HIS B 235 1.12 11.73 10.41
CA HIS B 235 0.02 12.24 9.60
C HIS B 235 -1.19 11.33 9.61
N ARG B 236 -1.24 10.44 10.62
CA ARG B 236 -2.35 9.49 10.76
C ARG B 236 -3.01 9.73 12.09
N GLU B 237 -4.29 9.34 12.20
CA GLU B 237 -5.07 9.41 13.40
C GLU B 237 -5.69 8.04 13.59
N PRO B 238 -5.28 7.28 14.63
CA PRO B 238 -4.29 7.63 15.67
C PRO B 238 -2.87 7.53 15.15
N GLN B 239 -1.95 8.30 15.72
CA GLN B 239 -0.56 8.27 15.26
C GLN B 239 0.13 6.95 15.55
N LEU B 240 -0.18 6.35 16.71
CA LEU B 240 0.39 5.10 17.19
C LEU B 240 -0.55 3.98 16.94
N LEU B 241 -0.04 2.93 16.26
CA LEU B 241 -0.80 1.76 15.89
C LEU B 241 -1.40 1.07 17.09
N LEU B 242 -0.64 1.01 18.22
CA LEU B 242 -1.13 0.39 19.46
C LEU B 242 -2.44 1.02 19.97
N ASP B 243 -2.70 2.30 19.63
CA ASP B 243 -3.95 2.98 19.98
C ASP B 243 -5.19 2.38 19.28
N ILE B 244 -5.02 1.66 18.13
CA ILE B 244 -6.17 1.06 17.44
C ILE B 244 -6.81 -0.01 18.31
N LYS B 245 -6.00 -0.66 19.18
CA LYS B 245 -6.45 -1.68 20.13
C LYS B 245 -7.53 -1.12 21.04
N GLU B 246 -7.34 0.13 21.53
CA GLU B 246 -8.28 0.82 22.40
C GLU B 246 -9.55 1.19 21.62
N GLU B 247 -9.39 1.68 20.37
CA GLU B 247 -10.53 2.01 19.50
C GLU B 247 -11.41 0.77 19.26
N ILE B 248 -10.77 -0.39 19.02
CA ILE B 248 -11.45 -1.67 18.83
C ILE B 248 -12.11 -2.14 20.14
N GLU B 249 -11.35 -2.14 21.26
CA GLU B 249 -11.81 -2.54 22.60
C GLU B 249 -13.03 -1.74 23.07
N ASP B 250 -12.99 -0.40 22.88
CA ASP B 250 -14.09 0.48 23.28
C ASP B 250 -15.27 0.41 22.29
N GLU B 251 -15.37 -0.73 21.54
CA GLU B 251 -16.38 -1.12 20.54
C GLU B 251 -16.74 -0.04 19.51
N GLU B 252 -15.86 0.95 19.33
CA GLU B 252 -16.04 2.03 18.36
C GLU B 252 -15.90 1.43 16.94
N LYS B 253 -15.00 0.42 16.79
CA LYS B 253 -14.68 -0.30 15.56
C LYS B 253 -14.35 -1.79 15.82
N THR B 254 -14.11 -2.56 14.74
CA THR B 254 -13.69 -3.96 14.76
C THR B 254 -12.33 -4.10 14.05
N ILE B 255 -11.63 -5.24 14.22
CA ILE B 255 -10.34 -5.45 13.57
C ILE B 255 -10.52 -5.54 12.01
N GLU B 256 -11.71 -5.96 11.57
CA GLU B 256 -12.11 -6.06 10.15
C GLU B 256 -12.02 -4.70 9.45
N ASP B 257 -12.28 -3.60 10.19
CA ASP B 257 -12.17 -2.25 9.66
C ASP B 257 -10.71 -1.82 9.47
N TYR B 258 -9.75 -2.61 10.03
CA TYR B 258 -8.32 -2.29 9.96
C TYR B 258 -7.51 -3.24 9.08
N ILE B 259 -8.06 -4.45 8.77
CA ILE B 259 -7.43 -5.47 7.91
C ILE B 259 -6.80 -4.82 6.67
N ASP B 260 -5.55 -5.16 6.38
CA ASP B 260 -4.84 -4.69 5.18
C ASP B 260 -5.70 -5.09 3.94
N LYS B 261 -6.01 -4.11 3.09
CA LYS B 261 -6.82 -4.29 1.88
C LYS B 261 -6.02 -4.87 0.71
N LYS B 262 -4.70 -4.90 0.85
CA LYS B 262 -3.76 -5.41 -0.13
C LYS B 262 -3.58 -6.94 -0.03
N MET B 263 -4.57 -7.68 0.50
CA MET B 263 -4.48 -9.15 0.58
C MET B 263 -5.78 -9.66 0.00
N ASN B 264 -5.74 -10.78 -0.71
CA ASN B 264 -6.94 -11.39 -1.28
C ASN B 264 -7.38 -12.65 -0.51
N ASP B 265 -6.54 -13.14 0.42
CA ASP B 265 -6.74 -14.43 1.13
C ASP B 265 -6.91 -14.37 2.65
N ALA B 266 -7.30 -13.22 3.22
CA ALA B 266 -7.44 -13.13 4.68
C ALA B 266 -8.81 -13.54 5.19
N ASP B 267 -8.93 -14.71 5.85
CA ASP B 267 -10.23 -15.10 6.41
C ASP B 267 -10.41 -14.52 7.81
N SER B 268 -11.63 -14.07 8.09
CA SER B 268 -12.09 -13.45 9.32
C SER B 268 -11.68 -14.20 10.61
N THR B 269 -11.74 -15.54 10.57
CA THR B 269 -11.46 -16.41 11.71
C THR B 269 -9.98 -16.40 12.10
N SER B 270 -9.07 -16.59 11.14
CA SER B 270 -7.63 -16.59 11.44
C SER B 270 -7.11 -15.17 11.75
N VAL B 271 -7.72 -14.14 11.14
CA VAL B 271 -7.38 -12.74 11.40
C VAL B 271 -7.73 -12.40 12.86
N GLU B 272 -8.95 -12.79 13.32
CA GLU B 272 -9.41 -12.57 14.69
C GLU B 272 -8.55 -13.34 15.69
N ALA B 273 -8.13 -14.56 15.32
CA ALA B 273 -7.25 -15.37 16.13
C ALA B 273 -5.87 -14.66 16.26
N MET B 274 -5.31 -14.10 15.16
CA MET B 274 -4.04 -13.38 15.28
C MET B 274 -4.23 -12.11 16.12
N TYR B 275 -5.37 -11.41 15.94
CA TYR B 275 -5.67 -10.22 16.70
C TYR B 275 -5.79 -10.50 18.22
N SER B 276 -6.42 -11.62 18.60
CA SER B 276 -6.57 -12.05 20.00
C SER B 276 -5.17 -12.23 20.63
N VAL B 277 -4.23 -12.85 19.90
CA VAL B 277 -2.83 -13.00 20.31
C VAL B 277 -2.17 -11.59 20.48
N ALA B 278 -2.34 -10.69 19.50
CA ALA B 278 -1.77 -9.34 19.57
C ALA B 278 -2.33 -8.59 20.79
N SER B 279 -3.64 -8.72 21.04
CA SER B 279 -4.38 -8.08 22.14
C SER B 279 -3.81 -8.51 23.48
N GLN B 280 -3.62 -9.82 23.68
CA GLN B 280 -3.03 -10.42 24.86
C GLN B 280 -1.59 -9.93 25.06
N CYS B 281 -0.78 -9.87 23.97
CA CYS B 281 0.60 -9.38 23.99
C CYS B 281 0.66 -7.95 24.45
N LEU B 282 -0.37 -7.18 24.10
CA LEU B 282 -0.41 -5.75 24.35
C LEU B 282 -1.06 -5.33 25.69
N HIS B 283 -1.26 -6.28 26.64
CA HIS B 283 -1.74 -5.96 27.99
C HIS B 283 -0.71 -4.99 28.56
N GLU B 284 -1.13 -3.80 28.99
CA GLU B 284 -0.18 -2.83 29.54
C GLU B 284 0.46 -3.30 30.86
N LYS B 285 -0.15 -4.28 31.55
CA LYS B 285 0.37 -4.92 32.77
C LYS B 285 1.21 -6.13 32.36
N LYS B 286 2.56 -5.99 32.47
CA LYS B 286 3.56 -6.99 32.06
C LYS B 286 3.26 -8.42 32.52
N ASN B 287 2.67 -8.59 33.72
CA ASN B 287 2.38 -9.93 34.26
C ASN B 287 1.10 -10.53 33.70
N LYS B 288 0.26 -9.71 33.04
CA LYS B 288 -0.98 -10.19 32.42
C LYS B 288 -0.78 -10.65 30.94
N ARG B 289 0.43 -10.40 30.38
CA ARG B 289 0.83 -10.78 29.03
C ARG B 289 1.20 -12.27 28.98
N PRO B 290 0.93 -12.96 27.85
CA PRO B 290 1.38 -14.36 27.76
C PRO B 290 2.90 -14.44 27.59
N ASP B 291 3.50 -15.60 27.89
CA ASP B 291 4.92 -15.76 27.63
C ASP B 291 5.07 -16.16 26.16
N ILE B 292 6.31 -16.14 25.61
CA ILE B 292 6.53 -16.47 24.21
C ILE B 292 6.03 -17.90 23.86
N LYS B 293 6.15 -18.86 24.79
CA LYS B 293 5.68 -20.23 24.58
C LYS B 293 4.15 -20.29 24.39
N LYS B 294 3.40 -19.44 25.12
CA LYS B 294 1.94 -19.35 24.95
C LYS B 294 1.62 -18.68 23.58
N VAL B 295 2.41 -17.65 23.20
CA VAL B 295 2.30 -16.94 21.92
C VAL B 295 2.50 -17.94 20.75
N GLN B 296 3.55 -18.80 20.83
CA GLN B 296 3.80 -19.85 19.83
C GLN B 296 2.61 -20.78 19.67
N GLN B 297 2.07 -21.31 20.79
CA GLN B 297 0.92 -22.21 20.84
C GLN B 297 -0.32 -21.62 20.21
N LEU B 298 -0.64 -20.37 20.56
CA LEU B 298 -1.81 -19.68 20.01
C LEU B 298 -1.64 -19.41 18.50
N LEU B 299 -0.41 -19.08 18.06
CA LEU B 299 -0.10 -18.85 16.64
C LEU B 299 -0.16 -20.15 15.83
N GLN B 300 0.24 -21.30 16.42
CA GLN B 300 0.15 -22.59 15.71
C GLN B 300 -1.30 -23.08 15.65
N GLU B 301 -2.11 -22.81 16.70
CA GLU B 301 -3.53 -23.18 16.75
C GLU B 301 -4.34 -22.43 15.67
N MET B 302 -3.94 -21.17 15.39
CA MET B 302 -4.51 -20.26 14.40
C MET B 302 -4.53 -20.89 12.99
N THR B 303 -3.47 -21.63 12.63
CA THR B 303 -3.33 -22.29 11.32
C THR B 303 -3.72 -23.78 11.39
N ALA B 304 -3.89 -24.34 12.62
CA ALA B 304 -4.29 -25.74 12.81
C ALA B 304 -5.77 -25.93 12.50
C13 9YS C . -15.15 -2.02 -11.18
C18 9YS C . -17.80 -1.36 -8.79
C17 9YS C . -17.44 -1.48 -10.12
C15 9YS C . -14.36 -1.29 -10.10
C19 9YS C . -18.70 -0.39 -8.38
C20 9YS C . -19.25 0.48 -9.30
C21 9YS C . -18.89 0.38 -10.64
C22 9YS C . -17.99 -0.59 -11.04
C23 9YS C . -17.18 -2.12 -16.20
C24 9YS C . -18.04 -1.83 -15.15
C12 9YS C . -11.06 -7.00 -11.92
C27 9YS C . -17.83 -0.11 -17.35
C1 9YS C . -13.93 -4.95 -13.26
C2 9YS C . -14.18 -5.49 -14.52
N3 9YS C . -14.98 -4.95 -15.45
C4 9YS C . -15.58 -3.80 -15.14
C5 9YS C . -15.41 -3.15 -13.92
C6 9YS C . -14.57 -3.72 -12.96
N7 9YS C . -14.36 -3.13 -11.72
N8 9YS C . -16.39 -3.29 -16.16
C9 9YS C . -13.03 -5.62 -12.28
N10 9YS C . -11.97 -6.25 -12.77
O11 9YS C . -13.29 -5.58 -11.07
C14 9YS C . -16.46 -2.54 -10.56
O16 9YS C . -13.82 -2.20 -9.15
C25 9YS C . -18.79 -0.66 -15.22
C26 9YS C . -18.71 0.21 -16.31
C28 9YS C . -17.08 -1.27 -17.30
S29 9YS C . -19.93 -0.04 -14.06
C30 9YS C . -20.19 1.31 -15.11
N31 9YS C . -19.52 1.33 -16.22
C13 9YS D . 17.74 -4.73 5.23
C18 9YS D . 19.14 -1.49 6.33
C17 9YS D . 19.15 -2.88 6.33
C15 9YS D . 16.40 -4.05 5.47
C19 9YS D . 19.43 -0.77 7.48
C20 9YS D . 19.76 -1.44 8.64
C21 9YS D . 19.79 -2.83 8.65
C22 9YS D . 19.48 -3.54 7.51
C23 9YS D . 21.23 -8.55 6.65
C24 9YS D . 21.50 -7.25 7.06
C12 9YS D . 16.46 -6.96 -0.72
C27 9YS D . 21.33 -9.33 8.95
C1 9YS D . 18.54 -7.13 2.44
C2 9YS D . 19.42 -8.19 2.20
N3 9YS D . 20.22 -8.74 3.12
C4 9YS D . 20.17 -8.24 4.36
C5 9YS D . 19.34 -7.17 4.72
C6 9YS D . 18.51 -6.62 3.75
N7 9YS D . 17.65 -5.56 4.04
N8 9YS D . 21.03 -8.84 5.28
C9 9YS D . 17.67 -6.56 1.35
N10 9YS D . 17.27 -7.39 0.40
O11 9YS D . 17.35 -5.37 1.37
C14 9YS D . 18.81 -3.65 5.07
O16 9YS D . 15.99 -3.28 4.36
C25 9YS D . 21.70 -7.00 8.42
C26 9YS D . 21.62 -8.03 9.37
C28 9YS D . 21.14 -9.58 7.60
S29 9YS D . 22.05 -5.50 9.20
C30 9YS D . 22.06 -6.34 10.72
N31 9YS D . 21.83 -7.61 10.69
#